data_7MP3
#
_entry.id   7MP3
#
_cell.length_a   42.156
_cell.length_b   53.122
_cell.length_c   54.809
_cell.angle_alpha   103.983
_cell.angle_beta   101.997
_cell.angle_gamma   100.048
#
_symmetry.space_group_name_H-M   'P 1'
#
loop_
_entity.id
_entity.type
_entity.pdbx_description
1 polymer 'Growth factor receptor-bound protein 7'
2 polymer 'bicyclic peptide B8'
3 water water
#
loop_
_entity_poly.entity_id
_entity_poly.type
_entity_poly.pdbx_seq_one_letter_code
_entity_poly.pdbx_strand_id
1 'polypeptide(L)'
;GSPASGTSLSAAIHRTQLWFHGRISREESQRLIGQQGLVDGLFLVRESQRNPQGFVLSLCHLQKVKHYLILPSEEEGRLY
FSMDDGQTRFTDLLQLVEFHQLNRGILPCLLRHCCTRVAL
;
A,B,C,D
2 'polypeptide(L)' KFEGYDNEFP(48V) L,N
#
# COMPACT_ATOMS: atom_id res chain seq x y z
N ILE A 13 2.75 22.54 9.38
CA ILE A 13 2.22 22.23 10.69
C ILE A 13 3.15 21.26 11.41
N HIS A 14 3.17 20.01 10.94
CA HIS A 14 3.98 18.98 11.56
C HIS A 14 5.47 19.16 11.29
N ARG A 15 5.83 19.99 10.30
CA ARG A 15 7.24 20.22 9.98
C ARG A 15 7.99 20.96 11.08
N THR A 16 7.29 21.47 12.09
CA THR A 16 7.93 22.16 13.21
C THR A 16 8.22 21.24 14.38
N GLN A 17 8.02 19.93 14.22
CA GLN A 17 8.21 18.96 15.28
C GLN A 17 9.39 18.06 14.96
N LEU A 18 10.25 17.83 15.95
CA LEU A 18 11.47 17.06 15.73
C LEU A 18 11.20 15.58 15.50
N TRP A 19 10.01 15.07 15.86
CA TRP A 19 9.70 13.68 15.60
C TRP A 19 9.28 13.43 14.15
N PHE A 20 9.03 14.48 13.38
CA PHE A 20 8.72 14.35 11.96
C PHE A 20 10.01 14.31 11.16
N HIS A 21 10.13 13.31 10.28
CA HIS A 21 11.36 13.09 9.53
C HIS A 21 11.16 13.19 8.02
N GLY A 22 9.97 13.54 7.56
CA GLY A 22 9.74 13.67 6.13
C GLY A 22 9.81 12.35 5.38
N ARG A 23 10.10 12.46 4.09
CA ARG A 23 10.10 11.31 3.17
C ARG A 23 11.37 10.48 3.40
N ILE A 24 11.29 9.53 4.32
CA ILE A 24 12.36 8.57 4.55
C ILE A 24 11.79 7.17 4.40
N SER A 25 12.64 6.24 3.96
CA SER A 25 12.19 4.88 3.71
C SER A 25 11.93 4.15 5.02
N ARG A 26 11.33 2.96 4.91
CA ARG A 26 11.08 2.16 6.10
C ARG A 26 12.37 1.71 6.75
N GLU A 27 13.32 1.21 5.95
CA GLU A 27 14.58 0.74 6.50
C GLU A 27 15.36 1.86 7.18
N GLU A 28 15.26 3.08 6.66
CA GLU A 28 15.90 4.22 7.31
C GLU A 28 15.30 4.48 8.68
N SER A 29 13.98 4.34 8.82
CA SER A 29 13.34 4.57 10.12
C SER A 29 13.80 3.55 11.15
N GLN A 30 13.98 2.30 10.75
CA GLN A 30 14.48 1.29 11.69
C GLN A 30 15.93 1.57 12.08
N ARG A 31 16.73 2.08 11.13
CA ARG A 31 18.11 2.43 11.45
C ARG A 31 18.17 3.59 12.43
N LEU A 32 17.32 4.62 12.24
CA LEU A 32 17.30 5.75 13.14
C LEU A 32 16.91 5.33 14.55
N ILE A 33 15.83 4.56 14.67
CA ILE A 33 15.40 4.06 15.98
C ILE A 33 16.51 3.21 16.60
N GLY A 34 17.22 2.44 15.77
CA GLY A 34 18.38 1.72 16.26
C GLY A 34 19.47 2.64 16.75
N GLN A 35 19.66 3.76 16.05
CA GLN A 35 20.70 4.72 16.43
C GLN A 35 20.46 5.29 17.83
N GLN A 36 19.19 5.45 18.23
CA GLN A 36 18.86 6.10 19.49
C GLN A 36 18.66 5.13 20.65
N GLY A 37 18.78 3.83 20.44
CA GLY A 37 18.86 2.88 21.54
C GLY A 37 17.75 1.86 21.63
N LEU A 38 16.74 1.86 20.76
CA LEU A 38 15.68 0.86 20.76
C LEU A 38 14.92 0.83 22.09
N VAL A 39 14.69 2.00 22.68
CA VAL A 39 13.91 2.09 23.91
C VAL A 39 12.42 1.95 23.58
N ASP A 40 11.68 1.40 24.52
CA ASP A 40 10.23 1.24 24.34
C ASP A 40 9.55 2.60 24.38
N GLY A 41 8.72 2.87 23.37
CA GLY A 41 8.08 4.16 23.21
C GLY A 41 8.79 5.10 22.26
N LEU A 42 10.01 4.75 21.82
CA LEU A 42 10.71 5.56 20.84
C LEU A 42 9.97 5.52 19.51
N PHE A 43 9.68 6.69 18.95
CA PHE A 43 8.81 6.78 17.79
C PHE A 43 9.25 7.92 16.89
N LEU A 44 8.79 7.85 15.64
CA LEU A 44 8.92 8.95 14.70
C LEU A 44 7.78 8.88 13.70
N VAL A 45 7.56 9.98 12.99
CA VAL A 45 6.56 10.06 11.94
C VAL A 45 7.26 10.46 10.65
N ARG A 46 6.91 9.77 9.57
CA ARG A 46 7.52 10.02 8.27
C ARG A 46 6.43 10.08 7.20
N GLU A 47 6.78 10.69 6.07
CA GLU A 47 5.86 10.80 4.95
C GLU A 47 5.93 9.55 4.08
N SER A 48 4.78 9.22 3.48
CA SER A 48 4.73 8.10 2.56
C SER A 48 5.40 8.47 1.24
N GLN A 49 6.11 7.52 0.66
CA GLN A 49 6.86 7.77 -0.57
C GLN A 49 6.01 7.61 -1.83
N ARG A 50 4.91 6.87 -1.75
CA ARG A 50 4.02 6.71 -2.89
C ARG A 50 2.61 7.19 -2.57
N GLN A 53 -0.31 11.49 0.04
CA GLN A 53 -0.51 12.44 1.13
C GLN A 53 -0.61 11.71 2.46
N GLY A 54 -0.16 10.46 2.49
CA GLY A 54 -0.23 9.66 3.70
C GLY A 54 1.06 9.70 4.50
N PHE A 55 0.97 9.19 5.72
CA PHE A 55 2.11 9.19 6.64
C PHE A 55 2.19 7.85 7.35
N VAL A 56 3.35 7.59 7.96
CA VAL A 56 3.62 6.33 8.64
C VAL A 56 4.21 6.65 10.01
N LEU A 57 3.59 6.13 11.06
CA LEU A 57 4.13 6.22 12.40
C LEU A 57 4.97 4.98 12.68
N SER A 58 6.26 5.18 12.95
CA SER A 58 7.18 4.09 13.27
C SER A 58 7.45 4.10 14.76
N LEU A 59 7.21 2.98 15.42
CA LEU A 59 7.25 2.88 16.87
C LEU A 59 8.03 1.66 17.31
N CYS A 60 8.82 1.82 18.37
CA CYS A 60 9.58 0.72 18.95
C CYS A 60 8.85 0.17 20.17
N HIS A 61 8.61 -1.14 20.18
CA HIS A 61 7.97 -1.80 21.31
C HIS A 61 8.58 -3.18 21.46
N LEU A 62 9.04 -3.50 22.68
CA LEU A 62 9.69 -4.77 22.98
C LEU A 62 10.85 -5.04 22.01
N GLN A 63 11.64 -3.99 21.75
CA GLN A 63 12.83 -4.05 20.90
C GLN A 63 12.49 -4.45 19.46
N LYS A 64 11.25 -4.24 19.04
CA LYS A 64 10.82 -4.46 17.67
C LYS A 64 10.21 -3.18 17.13
N VAL A 65 10.43 -2.92 15.83
CA VAL A 65 9.98 -1.69 15.19
C VAL A 65 8.77 -2.02 14.34
N LYS A 66 7.61 -1.47 14.72
CA LYS A 66 6.37 -1.62 13.98
C LYS A 66 6.02 -0.31 13.28
N HIS A 67 5.20 -0.42 12.24
CA HIS A 67 4.87 0.71 11.39
C HIS A 67 3.36 0.80 11.22
N TYR A 68 2.81 2.01 11.37
CA TYR A 68 1.37 2.23 11.33
C TYR A 68 1.03 3.27 10.28
N LEU A 69 0.21 2.88 9.32
CA LEU A 69 -0.19 3.77 8.24
C LEU A 69 -1.16 4.83 8.73
N ILE A 70 -0.98 6.07 8.25
CA ILE A 70 -1.89 7.17 8.52
C ILE A 70 -2.41 7.69 7.19
N LEU A 71 -3.73 7.69 7.01
CA LEU A 71 -4.33 8.12 5.77
C LEU A 71 -5.28 9.29 5.97
N PRO A 72 -5.38 10.20 4.99
CA PRO A 72 -6.32 11.31 5.12
C PRO A 72 -7.66 11.07 4.44
N SER A 73 -8.69 11.75 4.93
CA SER A 73 -10.00 11.77 4.30
C SER A 73 -10.64 13.12 4.60
N GLU A 74 -11.79 13.38 3.96
CA GLU A 74 -12.48 14.65 4.14
C GLU A 74 -13.94 14.37 4.49
N GLU A 75 -14.43 15.03 5.54
CA GLU A 75 -15.82 14.92 5.99
C GLU A 75 -16.47 16.30 5.92
N GLU A 76 -17.27 16.53 4.88
CA GLU A 76 -18.01 17.78 4.70
C GLU A 76 -17.09 19.00 4.78
N GLY A 77 -16.05 18.99 3.94
CA GLY A 77 -15.14 20.10 3.84
C GLY A 77 -13.94 20.04 4.77
N ARG A 78 -14.02 19.30 5.86
CA ARG A 78 -12.92 19.22 6.82
C ARG A 78 -12.12 17.96 6.58
N LEU A 79 -10.80 18.10 6.53
CA LEU A 79 -9.91 16.96 6.31
C LEU A 79 -9.43 16.43 7.66
N TYR A 80 -9.35 15.10 7.76
CA TYR A 80 -8.89 14.47 8.99
C TYR A 80 -7.91 13.35 8.66
N PHE A 81 -7.20 12.88 9.68
CA PHE A 81 -6.24 11.80 9.58
C PHE A 81 -6.65 10.67 10.51
N SER A 82 -6.36 9.44 10.11
CA SER A 82 -6.81 8.29 10.88
C SER A 82 -5.90 7.09 10.61
N MET A 83 -5.74 6.27 11.66
CA MET A 83 -5.03 5.01 11.55
C MET A 83 -5.96 3.81 11.53
N ASP A 84 -7.26 4.01 11.70
CA ASP A 84 -8.24 2.92 11.73
C ASP A 84 -9.40 3.21 10.80
N ASP A 85 -9.10 3.83 9.65
CA ASP A 85 -10.08 4.03 8.57
C ASP A 85 -11.28 4.84 9.02
N GLY A 86 -11.04 5.85 9.86
CA GLY A 86 -12.06 6.81 10.23
C GLY A 86 -12.64 6.63 11.62
N GLN A 87 -12.31 5.55 12.32
CA GLN A 87 -12.91 5.31 13.63
C GLN A 87 -12.35 6.25 14.69
N THR A 88 -11.11 6.70 14.53
CA THR A 88 -10.51 7.69 15.42
C THR A 88 -9.86 8.75 14.56
N ARG A 89 -10.31 10.00 14.71
CA ARG A 89 -10.01 11.06 13.76
C ARG A 89 -9.21 12.18 14.42
N PHE A 90 -8.39 12.84 13.61
CA PHE A 90 -7.52 13.92 14.08
C PHE A 90 -7.40 14.97 12.98
N THR A 91 -7.38 16.24 13.39
CA THR A 91 -7.27 17.33 12.42
C THR A 91 -5.88 17.41 11.80
N ASP A 92 -4.86 16.95 12.53
CA ASP A 92 -3.48 17.02 12.04
C ASP A 92 -2.67 15.96 12.76
N LEU A 93 -1.37 15.89 12.41
CA LEU A 93 -0.51 14.86 12.98
C LEU A 93 -0.13 15.18 14.42
N LEU A 94 -0.07 16.46 14.79
CA LEU A 94 0.25 16.82 16.16
C LEU A 94 -0.81 16.31 17.12
N GLN A 95 -2.09 16.51 16.78
CA GLN A 95 -3.17 15.99 17.60
C GLN A 95 -3.11 14.48 17.70
N LEU A 96 -2.79 13.80 16.59
CA LEU A 96 -2.61 12.36 16.62
C LEU A 96 -1.48 11.96 17.56
N VAL A 97 -0.39 12.73 17.59
CA VAL A 97 0.77 12.36 18.40
C VAL A 97 0.48 12.56 19.88
N GLU A 98 -0.02 13.75 20.27
CA GLU A 98 -0.21 14.01 21.69
C GLU A 98 -1.34 13.18 22.28
N PHE A 99 -2.37 12.90 21.50
CA PHE A 99 -3.41 11.99 21.97
C PHE A 99 -2.81 10.64 22.33
N HIS A 100 -1.91 10.13 21.50
CA HIS A 100 -1.29 8.83 21.73
C HIS A 100 -0.09 8.90 22.67
N GLN A 101 0.18 10.04 23.30
CA GLN A 101 1.10 10.05 24.44
C GLN A 101 0.41 9.75 25.75
N LEU A 102 -0.91 9.83 25.79
CA LEU A 102 -1.68 9.44 26.96
C LEU A 102 -2.59 8.24 26.73
N ASN A 103 -3.07 8.03 25.51
CA ASN A 103 -4.00 6.96 25.20
C ASN A 103 -3.37 6.02 24.18
N ARG A 104 -3.43 4.71 24.47
CA ARG A 104 -2.85 3.72 23.58
C ARG A 104 -3.59 3.67 22.25
N GLY A 105 -4.92 3.67 22.29
CA GLY A 105 -5.68 3.45 21.06
C GLY A 105 -5.41 2.08 20.50
N ILE A 106 -5.06 2.01 19.21
CA ILE A 106 -4.71 0.75 18.58
C ILE A 106 -3.25 0.39 18.75
N LEU A 107 -2.45 1.24 19.39
CA LEU A 107 -1.03 0.98 19.54
C LEU A 107 -0.75 0.02 20.70
N PRO A 108 0.35 -0.72 20.65
CA PRO A 108 0.69 -1.62 21.75
C PRO A 108 1.39 -0.94 22.92
N CYS A 109 1.75 0.33 22.78
CA CYS A 109 2.41 1.06 23.85
C CYS A 109 2.26 2.55 23.57
N LEU A 110 2.58 3.36 24.58
CA LEU A 110 2.48 4.80 24.45
C LEU A 110 3.71 5.37 23.75
N LEU A 111 3.53 6.52 23.11
CA LEU A 111 4.64 7.27 22.53
C LEU A 111 5.34 8.02 23.67
N ARG A 112 6.48 7.50 24.11
CA ARG A 112 7.16 8.03 25.29
C ARG A 112 8.46 8.77 24.99
N HIS A 113 9.09 8.54 23.84
CA HIS A 113 10.39 9.12 23.55
C HIS A 113 10.46 9.53 22.09
N CYS A 114 10.88 10.77 21.84
CA CYS A 114 10.98 11.28 20.48
C CYS A 114 12.29 10.84 19.83
N CYS A 115 12.19 10.31 18.61
CA CYS A 115 13.36 10.03 17.79
C CYS A 115 13.60 11.25 16.91
N THR A 116 14.60 12.05 17.27
CA THR A 116 14.82 13.34 16.61
C THR A 116 15.38 13.15 15.21
N GLN B 17 -10.19 31.11 25.91
CA GLN B 17 -11.08 30.19 25.21
C GLN B 17 -12.53 30.62 25.40
N LEU B 18 -13.19 30.96 24.28
CA LEU B 18 -14.53 31.50 24.35
C LEU B 18 -15.57 30.45 24.74
N TRP B 19 -15.25 29.17 24.63
CA TRP B 19 -16.19 28.12 25.05
C TRP B 19 -16.17 27.90 26.55
N PHE B 20 -15.16 28.40 27.25
CA PHE B 20 -15.06 28.27 28.70
C PHE B 20 -15.75 29.44 29.38
N HIS B 21 -16.53 29.14 30.42
CA HIS B 21 -17.35 30.14 31.09
C HIS B 21 -17.03 30.31 32.56
N GLY B 22 -16.01 29.62 33.08
CA GLY B 22 -15.63 29.82 34.47
C GLY B 22 -16.67 29.31 35.44
N ARG B 23 -16.71 29.94 36.61
CA ARG B 23 -17.62 29.56 37.70
C ARG B 23 -19.04 30.01 37.36
N ILE B 24 -19.73 29.17 36.58
CA ILE B 24 -21.13 29.38 36.23
C ILE B 24 -21.92 28.15 36.68
N SER B 25 -23.08 28.40 37.28
CA SER B 25 -23.89 27.33 37.85
C SER B 25 -24.55 26.50 36.75
N ARG B 26 -25.18 25.39 37.19
CA ARG B 26 -25.85 24.50 36.25
C ARG B 26 -27.06 25.18 35.60
N GLU B 27 -27.80 25.98 36.37
CA GLU B 27 -28.99 26.63 35.81
C GLU B 27 -28.61 27.74 34.83
N GLU B 28 -27.58 28.53 35.16
CA GLU B 28 -27.16 29.61 34.28
C GLU B 28 -26.72 29.08 32.91
N SER B 29 -26.09 27.90 32.88
CA SER B 29 -25.64 27.34 31.61
C SER B 29 -26.82 26.99 30.72
N GLN B 30 -27.88 26.42 31.29
CA GLN B 30 -29.06 26.07 30.49
C GLN B 30 -29.77 27.30 29.94
N ARG B 31 -29.77 28.40 30.70
CA ARG B 31 -30.36 29.64 30.19
C ARG B 31 -29.56 30.18 29.01
N LEU B 32 -28.23 30.15 29.10
CA LEU B 32 -27.40 30.64 28.01
C LEU B 32 -27.56 29.76 26.76
N ILE B 33 -27.42 28.44 26.92
CA ILE B 33 -27.63 27.54 25.79
C ILE B 33 -29.06 27.69 25.25
N GLY B 34 -30.01 27.91 26.15
CA GLY B 34 -31.37 28.21 25.71
C GLY B 34 -31.47 29.54 24.98
N GLN B 35 -30.79 30.56 25.50
CA GLN B 35 -30.85 31.88 24.88
C GLN B 35 -30.30 31.86 23.45
N GLN B 36 -29.34 30.99 23.17
CA GLN B 36 -28.73 30.89 21.86
C GLN B 36 -29.47 29.98 20.89
N GLY B 37 -30.60 29.39 21.33
CA GLY B 37 -31.51 28.74 20.42
C GLY B 37 -31.61 27.24 20.50
N LEU B 38 -30.94 26.60 21.47
CA LEU B 38 -30.98 25.13 21.62
C LEU B 38 -30.49 24.44 20.34
N VAL B 39 -29.48 25.03 19.70
CA VAL B 39 -28.97 24.49 18.45
C VAL B 39 -28.29 23.15 18.70
N ASP B 40 -28.35 22.28 17.70
CA ASP B 40 -27.74 20.95 17.79
C ASP B 40 -26.23 21.08 17.76
N GLY B 41 -25.57 20.58 18.80
CA GLY B 41 -24.13 20.70 18.93
C GLY B 41 -23.65 21.86 19.76
N LEU B 42 -24.56 22.72 20.23
CA LEU B 42 -24.16 23.85 21.06
C LEU B 42 -23.62 23.35 22.40
N PHE B 43 -22.45 23.86 22.79
CA PHE B 43 -21.78 23.37 23.98
C PHE B 43 -21.06 24.51 24.69
N LEU B 44 -20.73 24.26 25.96
CA LEU B 44 -19.85 25.13 26.73
C LEU B 44 -19.19 24.31 27.82
N VAL B 45 -18.13 24.87 28.40
CA VAL B 45 -17.39 24.23 29.49
C VAL B 45 -17.38 25.17 30.68
N ARG B 46 -17.59 24.60 31.87
CA ARG B 46 -17.69 25.38 33.09
C ARG B 46 -17.10 24.58 34.24
N GLU B 47 -16.73 25.28 35.30
CA GLU B 47 -16.27 24.61 36.52
C GLU B 47 -17.46 24.02 37.28
N SER B 48 -17.25 22.84 37.86
CA SER B 48 -18.31 22.14 38.57
C SER B 48 -18.66 22.85 39.88
N PRO B 52 -14.64 21.35 42.63
CA PRO B 52 -13.51 22.23 42.96
C PRO B 52 -12.34 22.06 42.00
N GLN B 53 -12.00 20.82 41.67
CA GLN B 53 -11.00 20.53 40.65
C GLN B 53 -11.65 19.92 39.41
N GLY B 54 -12.98 19.87 39.37
CA GLY B 54 -13.71 19.30 38.26
C GLY B 54 -14.30 20.36 37.35
N PHE B 55 -14.72 19.90 36.18
CA PHE B 55 -15.35 20.75 35.18
C PHE B 55 -16.55 20.00 34.62
N VAL B 56 -17.43 20.74 33.94
CA VAL B 56 -18.66 20.18 33.40
C VAL B 56 -18.79 20.63 31.95
N LEU B 57 -18.91 19.65 31.04
CA LEU B 57 -19.23 19.94 29.66
C LEU B 57 -20.75 19.90 29.50
N SER B 58 -21.33 21.06 29.16
CA SER B 58 -22.77 21.17 28.95
C SER B 58 -23.02 21.19 27.46
N LEU B 59 -23.85 20.25 26.99
CA LEU B 59 -24.04 20.03 25.56
C LEU B 59 -25.52 19.86 25.28
N CYS B 60 -25.98 20.49 24.19
CA CYS B 60 -27.38 20.44 23.78
C CYS B 60 -27.56 19.42 22.67
N HIS B 61 -28.54 18.53 22.85
CA HIS B 61 -28.89 17.55 21.83
C HIS B 61 -30.40 17.35 21.85
N LEU B 62 -31.03 17.47 20.68
CA LEU B 62 -32.48 17.39 20.54
C LEU B 62 -33.18 18.32 21.52
N GLN B 63 -32.65 19.54 21.65
CA GLN B 63 -33.20 20.57 22.52
C GLN B 63 -33.17 20.16 24.00
N LYS B 64 -32.32 19.22 24.35
CA LYS B 64 -32.11 18.80 25.74
C LYS B 64 -30.66 19.02 26.11
N VAL B 65 -30.42 19.48 27.32
CA VAL B 65 -29.08 19.86 27.79
C VAL B 65 -28.57 18.79 28.74
N LYS B 66 -27.47 18.15 28.36
CA LYS B 66 -26.79 17.16 29.19
C LYS B 66 -25.53 17.76 29.79
N HIS B 67 -25.11 17.19 30.92
CA HIS B 67 -23.95 17.67 31.66
C HIS B 67 -23.01 16.51 31.95
N TYR B 68 -21.74 16.65 31.58
CA TYR B 68 -20.76 15.59 31.70
C TYR B 68 -19.63 16.06 32.61
N LEU B 69 -19.43 15.35 33.72
CA LEU B 69 -18.38 15.69 34.66
C LEU B 69 -17.01 15.32 34.10
N ILE B 70 -16.06 16.25 34.21
CA ILE B 70 -14.68 16.03 33.81
C ILE B 70 -13.81 16.11 35.06
N LEU B 71 -13.10 15.01 35.36
CA LEU B 71 -12.34 14.92 36.59
C LEU B 71 -10.85 14.76 36.31
N PRO B 72 -10.00 15.36 37.13
CA PRO B 72 -8.55 15.17 36.99
C PRO B 72 -8.04 13.94 37.72
N SER B 73 -6.97 13.37 37.17
CA SER B 73 -6.31 12.22 37.77
C SER B 73 -4.82 12.31 37.48
N GLU B 74 -4.05 11.47 38.17
CA GLU B 74 -2.59 11.49 38.06
C GLU B 74 -2.07 10.07 38.07
N GLU B 75 -1.44 9.66 36.97
CA GLU B 75 -0.79 8.37 36.87
C GLU B 75 0.64 8.56 36.35
N GLU B 76 1.59 7.91 37.01
CA GLU B 76 3.01 7.94 36.61
C GLU B 76 3.53 9.37 36.47
N GLY B 77 3.06 10.25 37.35
CA GLY B 77 3.56 11.61 37.42
C GLY B 77 2.83 12.61 36.54
N ARG B 78 2.05 12.16 35.57
CA ARG B 78 1.36 13.04 34.64
C ARG B 78 -0.08 13.24 35.07
N LEU B 79 -0.53 14.50 35.04
CA LEU B 79 -1.92 14.83 35.32
C LEU B 79 -2.72 14.88 34.03
N TYR B 80 -3.95 14.36 34.08
CA TYR B 80 -4.82 14.32 32.92
C TYR B 80 -6.26 14.53 33.34
N PHE B 81 -7.12 14.75 32.34
CA PHE B 81 -8.55 14.88 32.54
C PHE B 81 -9.26 13.74 31.82
N SER B 82 -10.42 13.34 32.35
CA SER B 82 -11.14 12.22 31.78
C SER B 82 -12.62 12.33 32.14
N MET B 83 -13.47 11.88 31.22
CA MET B 83 -14.90 11.77 31.46
C MET B 83 -15.35 10.34 31.70
N ASP B 84 -14.47 9.35 31.51
CA ASP B 84 -14.83 7.94 31.65
C ASP B 84 -13.88 7.21 32.58
N ASP B 85 -13.36 7.92 33.58
CA ASP B 85 -12.56 7.31 34.66
C ASP B 85 -11.30 6.63 34.11
N GLY B 86 -10.64 7.26 33.15
CA GLY B 86 -9.35 6.80 32.67
C GLY B 86 -9.35 6.14 31.31
N GLN B 87 -10.52 5.86 30.73
CA GLN B 87 -10.54 5.19 29.44
C GLN B 87 -10.03 6.10 28.32
N THR B 88 -10.27 7.40 28.44
CA THR B 88 -9.78 8.38 27.47
C THR B 88 -9.24 9.58 28.24
N ARG B 89 -7.97 9.92 28.00
CA ARG B 89 -7.26 10.92 28.78
C ARG B 89 -6.88 12.11 27.91
N PHE B 90 -6.76 13.27 28.55
CA PHE B 90 -6.41 14.51 27.87
C PHE B 90 -5.53 15.36 28.77
N THR B 91 -4.55 16.04 28.17
CA THR B 91 -3.65 16.88 28.94
C THR B 91 -4.34 18.14 29.47
N ASP B 92 -5.36 18.61 28.77
CA ASP B 92 -6.05 19.84 29.16
C ASP B 92 -7.45 19.84 28.55
N LEU B 93 -8.25 20.82 28.98
CA LEU B 93 -9.64 20.89 28.52
C LEU B 93 -9.73 21.24 27.04
N LEU B 94 -8.76 21.99 26.52
CA LEU B 94 -8.75 22.31 25.10
C LEU B 94 -8.59 21.05 24.25
N GLN B 95 -7.71 20.14 24.67
CA GLN B 95 -7.54 18.90 23.93
C GLN B 95 -8.79 18.05 23.97
N LEU B 96 -9.45 17.98 25.13
CA LEU B 96 -10.71 17.25 25.23
C LEU B 96 -11.76 17.83 24.29
N VAL B 97 -11.80 19.16 24.17
CA VAL B 97 -12.81 19.79 23.32
C VAL B 97 -12.53 19.50 21.86
N GLU B 98 -11.26 19.64 21.44
CA GLU B 98 -10.92 19.45 20.03
C GLU B 98 -11.13 18.01 19.59
N PHE B 99 -10.81 17.04 20.46
CA PHE B 99 -11.03 15.64 20.15
C PHE B 99 -12.50 15.36 19.91
N HIS B 100 -13.38 15.92 20.75
CA HIS B 100 -14.80 15.66 20.67
C HIS B 100 -15.51 16.53 19.64
N GLN B 101 -14.77 17.32 18.85
CA GLN B 101 -15.35 17.98 17.68
C GLN B 101 -15.28 17.10 16.44
N LEU B 102 -14.48 16.04 16.47
CA LEU B 102 -14.39 15.09 15.37
C LEU B 102 -14.84 13.69 15.73
N ASN B 103 -14.77 13.31 17.01
CA ASN B 103 -15.16 11.98 17.46
C ASN B 103 -16.23 12.12 18.54
N ARG B 104 -17.30 11.33 18.42
CA ARG B 104 -18.40 11.40 19.37
C ARG B 104 -17.97 10.89 20.74
N GLY B 105 -17.29 9.75 20.79
CA GLY B 105 -16.95 9.15 22.07
C GLY B 105 -18.19 8.76 22.83
N ILE B 106 -18.24 9.18 24.11
CA ILE B 106 -19.44 8.94 24.93
C ILE B 106 -20.52 9.97 24.70
N LEU B 107 -20.29 10.96 23.82
CA LEU B 107 -21.28 12.00 23.58
C LEU B 107 -22.30 11.56 22.53
N PRO B 108 -23.54 12.06 22.62
CA PRO B 108 -24.56 11.71 21.62
C PRO B 108 -24.45 12.50 20.32
N CYS B 109 -23.53 13.46 20.25
CA CYS B 109 -23.31 14.25 19.05
C CYS B 109 -21.97 14.95 19.17
N LEU B 110 -21.53 15.53 18.06
CA LEU B 110 -20.27 16.26 18.05
C LEU B 110 -20.45 17.67 18.60
N LEU B 111 -19.36 18.25 19.07
CA LEU B 111 -19.35 19.65 19.47
C LEU B 111 -19.24 20.50 18.21
N ARG B 112 -20.34 21.17 17.84
CA ARG B 112 -20.42 21.90 16.58
C ARG B 112 -20.39 23.41 16.73
N HIS B 113 -20.90 23.94 17.84
CA HIS B 113 -21.09 25.37 18.00
C HIS B 113 -20.78 25.77 19.43
N CYS B 114 -20.02 26.83 19.60
CA CYS B 114 -19.59 27.27 20.92
C CYS B 114 -20.62 28.21 21.54
N CYS B 115 -20.81 28.07 22.85
CA CYS B 115 -21.56 29.04 23.64
C CYS B 115 -20.56 30.04 24.23
N THR B 116 -20.58 31.27 23.73
CA THR B 116 -19.62 32.28 24.16
C THR B 116 -20.08 32.99 25.43
N ILE C 13 -10.13 -14.39 -16.99
CA ILE C 13 -8.84 -14.91 -17.43
C ILE C 13 -8.17 -15.70 -16.32
N HIS C 14 -7.70 -15.00 -15.30
CA HIS C 14 -7.00 -15.65 -14.20
C HIS C 14 -7.93 -16.43 -13.28
N ARG C 15 -9.24 -16.18 -13.35
CA ARG C 15 -10.17 -16.92 -12.51
C ARG C 15 -10.29 -18.39 -12.91
N THR C 16 -9.72 -18.79 -14.04
CA THR C 16 -9.73 -20.18 -14.48
C THR C 16 -8.49 -20.94 -14.04
N GLN C 17 -7.64 -20.33 -13.21
CA GLN C 17 -6.40 -20.94 -12.75
C GLN C 17 -6.52 -21.21 -11.25
N LEU C 18 -6.15 -22.42 -10.84
CA LEU C 18 -6.31 -22.81 -9.45
C LEU C 18 -5.33 -22.12 -8.51
N TRP C 19 -4.25 -21.54 -9.03
CA TRP C 19 -3.33 -20.82 -8.16
C TRP C 19 -3.85 -19.44 -7.76
N PHE C 20 -4.92 -18.97 -8.39
CA PHE C 20 -5.56 -17.72 -8.01
C PHE C 20 -6.56 -18.00 -6.89
N HIS C 21 -6.49 -17.20 -5.83
CA HIS C 21 -7.32 -17.43 -4.65
C HIS C 21 -8.27 -16.29 -4.35
N GLY C 22 -8.34 -15.27 -5.20
CA GLY C 22 -9.27 -14.18 -4.96
C GLY C 22 -8.90 -13.34 -3.75
N ARG C 23 -9.90 -12.68 -3.19
CA ARG C 23 -9.72 -11.74 -2.09
C ARG C 23 -9.52 -12.53 -0.80
N ILE C 24 -8.26 -12.87 -0.52
CA ILE C 24 -7.89 -13.49 0.75
C ILE C 24 -6.79 -12.64 1.40
N SER C 25 -6.77 -12.65 2.72
CA SER C 25 -5.83 -11.82 3.46
C SER C 25 -4.42 -12.40 3.36
N ARG C 26 -3.45 -11.61 3.84
CA ARG C 26 -2.06 -12.07 3.85
C ARG C 26 -1.89 -13.25 4.80
N GLU C 27 -2.47 -13.18 6.00
CA GLU C 27 -2.32 -14.27 6.96
C GLU C 27 -2.95 -15.55 6.44
N GLU C 28 -4.05 -15.44 5.70
CA GLU C 28 -4.66 -16.63 5.09
C GLU C 28 -3.73 -17.23 4.04
N SER C 29 -3.07 -16.40 3.25
CA SER C 29 -2.16 -16.90 2.22
C SER C 29 -0.98 -17.63 2.85
N GLN C 30 -0.48 -17.12 3.98
CA GLN C 30 0.63 -17.80 4.67
C GLN C 30 0.19 -19.14 5.23
N ARG C 31 -1.06 -19.25 5.70
CA ARG C 31 -1.55 -20.51 6.21
C ARG C 31 -1.67 -21.56 5.11
N LEU C 32 -2.18 -21.17 3.93
CA LEU C 32 -2.33 -22.13 2.84
C LEU C 32 -0.99 -22.66 2.38
N ILE C 33 -0.03 -21.76 2.11
CA ILE C 33 1.30 -22.19 1.67
C ILE C 33 1.95 -23.07 2.72
N GLY C 34 1.75 -22.76 4.00
CA GLY C 34 2.24 -23.64 5.04
C GLY C 34 1.58 -25.00 5.02
N GLN C 35 0.27 -25.04 4.74
CA GLN C 35 -0.44 -26.30 4.70
C GLN C 35 0.09 -27.25 3.64
N GLN C 36 0.61 -26.70 2.53
CA GLN C 36 1.03 -27.52 1.40
C GLN C 36 2.51 -27.87 1.44
N GLY C 37 3.25 -27.44 2.46
CA GLY C 37 4.59 -27.95 2.73
C GLY C 37 5.70 -26.92 2.66
N LEU C 38 5.42 -25.66 2.32
CA LEU C 38 6.43 -24.59 2.33
C LEU C 38 7.63 -24.92 1.46
N VAL C 39 7.38 -25.56 0.31
CA VAL C 39 8.43 -25.87 -0.65
C VAL C 39 8.80 -24.60 -1.41
N ASP C 40 10.06 -24.52 -1.85
CA ASP C 40 10.51 -23.38 -2.63
C ASP C 40 9.84 -23.40 -4.00
N GLY C 41 9.27 -22.26 -4.38
CA GLY C 41 8.48 -22.15 -5.59
C GLY C 41 6.99 -22.28 -5.38
N LEU C 42 6.55 -22.68 -4.19
CA LEU C 42 5.13 -22.72 -3.88
C LEU C 42 4.58 -21.30 -3.87
N PHE C 43 3.53 -21.05 -4.66
CA PHE C 43 3.06 -19.70 -4.85
C PHE C 43 1.55 -19.69 -5.05
N LEU C 44 0.97 -18.51 -4.87
CA LEU C 44 -0.42 -18.24 -5.21
C LEU C 44 -0.54 -16.76 -5.56
N VAL C 45 -1.66 -16.42 -6.22
CA VAL C 45 -1.97 -15.04 -6.56
C VAL C 45 -3.32 -14.70 -5.95
N ARG C 46 -3.40 -13.52 -5.33
CA ARG C 46 -4.61 -13.06 -4.70
C ARG C 46 -4.86 -11.60 -5.06
N GLU C 47 -6.11 -11.18 -4.93
CA GLU C 47 -6.49 -9.80 -5.19
C GLU C 47 -6.29 -8.95 -3.95
N SER C 48 -5.97 -7.67 -4.17
CA SER C 48 -5.82 -6.75 -3.06
C SER C 48 -7.18 -6.43 -2.45
N GLN C 49 -7.21 -6.30 -1.13
CA GLN C 49 -8.47 -6.07 -0.42
C GLN C 49 -8.85 -4.60 -0.38
N ARG C 50 -7.90 -3.69 -0.57
CA ARG C 50 -8.20 -2.26 -0.61
C ARG C 50 -7.76 -1.66 -1.95
N GLN C 53 -7.69 -2.51 -7.64
CA GLN C 53 -7.60 -3.36 -8.82
C GLN C 53 -6.24 -4.05 -8.90
N GLY C 54 -5.53 -4.07 -7.78
CA GLY C 54 -4.21 -4.67 -7.71
C GLY C 54 -4.24 -6.11 -7.21
N PHE C 55 -3.09 -6.76 -7.34
CA PHE C 55 -2.96 -8.16 -6.94
C PHE C 55 -1.64 -8.34 -6.20
N VAL C 56 -1.52 -9.46 -5.49
CA VAL C 56 -0.36 -9.76 -4.68
C VAL C 56 0.06 -11.19 -4.97
N LEU C 57 1.32 -11.38 -5.38
CA LEU C 57 1.90 -12.70 -5.55
C LEU C 57 2.59 -13.12 -4.25
N SER C 58 2.13 -14.21 -3.66
CA SER C 58 2.71 -14.74 -2.43
C SER C 58 3.54 -15.98 -2.77
N LEU C 59 4.81 -15.96 -2.37
CA LEU C 59 5.77 -16.96 -2.78
C LEU C 59 6.56 -17.44 -1.58
N CYS C 60 6.83 -18.75 -1.53
CA CYS C 60 7.63 -19.36 -0.48
C CYS C 60 9.06 -19.55 -0.96
N HIS C 61 10.01 -19.04 -0.18
CA HIS C 61 11.43 -19.19 -0.50
C HIS C 61 12.22 -19.33 0.79
N LEU C 62 13.01 -20.40 0.89
CA LEU C 62 13.81 -20.70 2.07
C LEU C 62 12.97 -20.70 3.34
N GLN C 63 11.80 -21.36 3.25
CA GLN C 63 10.87 -21.50 4.37
C GLN C 63 10.32 -20.17 4.86
N LYS C 64 10.37 -19.15 4.02
CA LYS C 64 9.76 -17.85 4.31
C LYS C 64 8.79 -17.50 3.19
N VAL C 65 7.67 -16.87 3.55
CA VAL C 65 6.62 -16.51 2.61
C VAL C 65 6.72 -15.01 2.36
N LYS C 66 7.06 -14.63 1.14
CA LYS C 66 7.16 -13.25 0.73
C LYS C 66 6.01 -12.88 -0.19
N HIS C 67 5.73 -11.59 -0.28
CA HIS C 67 4.59 -11.06 -1.01
C HIS C 67 5.04 -9.96 -1.95
N TYR C 68 4.56 -10.00 -3.19
CA TYR C 68 4.98 -9.07 -4.23
C TYR C 68 3.75 -8.40 -4.82
N LEU C 69 3.71 -7.06 -4.72
CA LEU C 69 2.58 -6.31 -5.23
C LEU C 69 2.57 -6.27 -6.76
N ILE C 70 1.38 -6.40 -7.34
CA ILE C 70 1.18 -6.27 -8.78
C ILE C 70 0.20 -5.12 -9.01
N LEU C 71 0.62 -4.14 -9.81
CA LEU C 71 -0.20 -2.96 -10.05
C LEU C 71 -0.50 -2.81 -11.54
N PRO C 72 -1.67 -2.29 -11.88
CA PRO C 72 -2.02 -2.06 -13.28
C PRO C 72 -1.71 -0.64 -13.74
N SER C 73 -1.52 -0.50 -15.05
CA SER C 73 -1.36 0.80 -15.67
C SER C 73 -1.96 0.75 -17.08
N GLU C 74 -2.08 1.93 -17.70
CA GLU C 74 -2.66 2.08 -19.02
C GLU C 74 -1.76 2.94 -19.90
N GLU C 75 -1.59 2.51 -21.16
CA GLU C 75 -0.80 3.30 -22.10
C GLU C 75 -1.67 3.81 -23.24
N GLU C 76 -1.57 3.19 -24.42
CA GLU C 76 -2.37 3.60 -25.58
C GLU C 76 -3.72 2.88 -25.59
N GLY C 77 -4.45 3.06 -24.48
CA GLY C 77 -5.76 2.48 -24.33
C GLY C 77 -5.78 1.09 -23.73
N ARG C 78 -4.66 0.37 -23.79
CA ARG C 78 -4.56 -1.00 -23.30
C ARG C 78 -3.94 -1.00 -21.91
N LEU C 79 -4.54 -1.80 -21.02
CA LEU C 79 -4.07 -1.91 -19.64
C LEU C 79 -3.05 -3.03 -19.52
N TYR C 80 -2.03 -2.80 -18.70
CA TYR C 80 -0.98 -3.78 -18.46
C TYR C 80 -0.72 -3.89 -16.96
N PHE C 81 0.00 -4.96 -16.59
CA PHE C 81 0.35 -5.23 -15.21
C PHE C 81 1.86 -5.29 -15.05
N SER C 82 2.33 -4.89 -13.87
CA SER C 82 3.76 -4.81 -13.62
C SER C 82 4.04 -4.97 -12.14
N MET C 83 5.18 -5.58 -11.83
CA MET C 83 5.66 -5.71 -10.45
C MET C 83 6.80 -4.75 -10.12
N ASP C 84 7.32 -4.02 -11.10
CA ASP C 84 8.44 -3.10 -10.89
C ASP C 84 8.14 -1.73 -11.47
N ASP C 85 6.89 -1.29 -11.35
CA ASP C 85 6.49 0.08 -11.69
C ASP C 85 6.74 0.39 -13.17
N GLY C 86 6.51 -0.60 -14.04
CA GLY C 86 6.54 -0.40 -15.47
C GLY C 86 7.75 -0.96 -16.18
N GLN C 87 8.76 -1.44 -15.45
CA GLN C 87 9.97 -1.92 -16.12
C GLN C 87 9.75 -3.26 -16.81
N THR C 88 8.84 -4.08 -16.27
CA THR C 88 8.47 -5.35 -16.88
C THR C 88 6.95 -5.44 -16.89
N ARG C 89 6.36 -5.58 -18.07
CA ARG C 89 4.93 -5.43 -18.26
C ARG C 89 4.31 -6.74 -18.74
N PHE C 90 3.04 -6.94 -18.39
CA PHE C 90 2.32 -8.15 -18.75
C PHE C 90 0.86 -7.79 -19.01
N THR C 91 0.28 -8.43 -20.02
CA THR C 91 -1.11 -8.13 -20.38
C THR C 91 -2.09 -8.69 -19.35
N ASP C 92 -1.71 -9.73 -18.63
CA ASP C 92 -2.59 -10.34 -17.62
C ASP C 92 -1.72 -11.10 -16.64
N LEU C 93 -2.37 -11.70 -15.64
CA LEU C 93 -1.65 -12.41 -14.59
C LEU C 93 -1.10 -13.74 -15.09
N LEU C 94 -1.78 -14.37 -16.04
CA LEU C 94 -1.30 -15.64 -16.58
C LEU C 94 0.05 -15.46 -17.28
N GLN C 95 0.17 -14.41 -18.10
CA GLN C 95 1.45 -14.12 -18.74
C GLN C 95 2.53 -13.82 -17.69
N LEU C 96 2.18 -13.07 -16.64
CA LEU C 96 3.12 -12.81 -15.57
C LEU C 96 3.57 -14.11 -14.90
N VAL C 97 2.65 -15.05 -14.71
CA VAL C 97 2.97 -16.30 -14.03
C VAL C 97 3.87 -17.16 -14.90
N GLU C 98 3.52 -17.31 -16.18
CA GLU C 98 4.27 -18.21 -17.06
C GLU C 98 5.67 -17.69 -17.33
N PHE C 99 5.84 -16.37 -17.43
CA PHE C 99 7.18 -15.81 -17.56
C PHE C 99 8.05 -16.17 -16.36
N HIS C 100 7.49 -16.05 -15.16
CA HIS C 100 8.24 -16.32 -13.94
C HIS C 100 8.29 -17.80 -13.56
N GLN C 101 7.78 -18.66 -14.43
CA GLN C 101 8.04 -20.09 -14.30
C GLN C 101 9.33 -20.50 -15.01
N LEU C 102 9.86 -19.65 -15.89
CA LEU C 102 11.13 -19.86 -16.54
C LEU C 102 12.18 -18.82 -16.20
N ASN C 103 11.77 -17.58 -15.91
CA ASN C 103 12.70 -16.48 -15.66
C ASN C 103 12.48 -15.94 -14.24
N ARG C 104 13.57 -15.76 -13.50
CA ARG C 104 13.46 -15.25 -12.14
C ARG C 104 12.93 -13.82 -12.13
N GLY C 105 13.45 -12.97 -13.01
CA GLY C 105 13.11 -11.56 -12.97
C GLY C 105 13.57 -10.93 -11.67
N ILE C 106 12.66 -10.24 -10.98
CA ILE C 106 12.97 -9.64 -9.69
C ILE C 106 12.76 -10.63 -8.54
N LEU C 107 12.27 -11.82 -8.82
CA LEU C 107 11.99 -12.80 -7.78
C LEU C 107 13.26 -13.55 -7.39
N PRO C 108 13.33 -14.07 -6.16
CA PRO C 108 14.53 -14.83 -5.75
C PRO C 108 14.53 -16.27 -6.22
N CYS C 109 13.43 -16.76 -6.79
CA CYS C 109 13.36 -18.13 -7.29
C CYS C 109 12.19 -18.22 -8.26
N LEU C 110 12.14 -19.33 -8.99
CA LEU C 110 11.08 -19.54 -9.96
C LEU C 110 9.81 -20.05 -9.28
N LEU C 111 8.67 -19.78 -9.91
CA LEU C 111 7.39 -20.34 -9.48
C LEU C 111 7.31 -21.77 -10.01
N ARG C 112 7.54 -22.75 -9.13
CA ARG C 112 7.65 -24.14 -9.54
C ARG C 112 6.47 -25.01 -9.12
N HIS C 113 5.70 -24.59 -8.12
CA HIS C 113 4.62 -25.43 -7.59
C HIS C 113 3.41 -24.57 -7.26
N CYS C 114 2.24 -24.99 -7.74
CA CYS C 114 1.01 -24.25 -7.50
C CYS C 114 0.46 -24.59 -6.11
N CYS C 115 0.15 -23.55 -5.34
CA CYS C 115 -0.59 -23.72 -4.09
C CYS C 115 -2.07 -23.62 -4.41
N THR C 116 -2.72 -24.76 -4.49
CA THR C 116 -4.11 -24.83 -4.96
C THR C 116 -5.07 -24.31 -3.90
N THR D 16 -3.23 -20.41 -37.44
CA THR D 16 -3.45 -19.30 -38.37
C THR D 16 -2.67 -18.06 -37.93
N GLN D 17 -1.63 -18.27 -37.15
CA GLN D 17 -0.84 -17.15 -36.62
C GLN D 17 -0.12 -16.43 -37.76
N LEU D 18 -0.48 -15.18 -37.99
CA LEU D 18 0.08 -14.41 -39.10
C LEU D 18 1.53 -14.00 -38.86
N TRP D 19 2.01 -14.06 -37.62
CA TRP D 19 3.38 -13.68 -37.34
C TRP D 19 4.39 -14.76 -37.71
N PHE D 20 3.95 -16.02 -37.80
CA PHE D 20 4.84 -17.10 -38.23
C PHE D 20 4.71 -17.32 -39.73
N HIS D 21 5.84 -17.45 -40.41
CA HIS D 21 5.85 -17.59 -41.85
C HIS D 21 6.52 -18.87 -42.33
N GLY D 22 6.97 -19.74 -41.42
CA GLY D 22 7.55 -21.00 -41.82
C GLY D 22 8.89 -20.85 -42.51
N ARG D 23 9.18 -21.78 -43.41
CA ARG D 23 10.45 -21.82 -44.12
C ARG D 23 10.55 -20.71 -45.16
N ILE D 24 11.00 -19.54 -44.74
CA ILE D 24 11.21 -18.40 -45.62
C ILE D 24 12.68 -18.01 -45.54
N SER D 25 13.27 -17.71 -46.70
CA SER D 25 14.69 -17.37 -46.75
C SER D 25 14.91 -15.96 -46.21
N ARG D 26 16.19 -15.62 -46.03
CA ARG D 26 16.54 -14.30 -45.52
C ARG D 26 16.18 -13.20 -46.52
N GLU D 27 16.40 -13.45 -47.81
CA GLU D 27 16.09 -12.43 -48.82
C GLU D 27 14.58 -12.26 -48.98
N GLU D 28 13.84 -13.37 -49.00
CA GLU D 28 12.38 -13.29 -49.14
C GLU D 28 11.76 -12.53 -47.97
N SER D 29 12.31 -12.71 -46.77
CA SER D 29 11.78 -11.99 -45.61
C SER D 29 11.98 -10.50 -45.74
N GLN D 30 13.15 -10.07 -46.23
CA GLN D 30 13.38 -8.65 -46.44
C GLN D 30 12.51 -8.11 -47.57
N ARG D 31 12.28 -8.93 -48.61
CA ARG D 31 11.40 -8.52 -49.69
C ARG D 31 9.95 -8.42 -49.23
N LEU D 32 9.51 -9.39 -48.41
CA LEU D 32 8.14 -9.35 -47.89
C LEU D 32 7.94 -8.16 -46.96
N ILE D 33 8.82 -8.01 -45.97
CA ILE D 33 8.75 -6.86 -45.07
C ILE D 33 8.89 -5.56 -45.86
N GLY D 34 9.71 -5.57 -46.91
CA GLY D 34 9.80 -4.41 -47.78
C GLY D 34 8.52 -4.14 -48.54
N GLN D 35 7.85 -5.20 -49.01
CA GLN D 35 6.62 -5.03 -49.77
C GLN D 35 5.53 -4.35 -48.95
N GLN D 36 5.53 -4.54 -47.63
CA GLN D 36 4.49 -3.99 -46.78
C GLN D 36 4.78 -2.57 -46.30
N GLY D 37 5.90 -1.97 -46.74
CA GLY D 37 6.10 -0.54 -46.55
C GLY D 37 7.19 -0.13 -45.59
N LEU D 38 7.96 -1.07 -45.03
CA LEU D 38 9.04 -0.76 -44.08
C LEU D 38 8.51 -0.03 -42.85
N VAL D 39 7.31 -0.42 -42.40
CA VAL D 39 6.71 0.22 -41.25
C VAL D 39 7.50 -0.11 -39.98
N ASP D 40 7.50 0.83 -39.04
CA ASP D 40 8.22 0.64 -37.79
C ASP D 40 7.48 -0.38 -36.93
N GLY D 41 8.19 -1.44 -36.53
CA GLY D 41 7.59 -2.51 -35.77
C GLY D 41 7.13 -3.70 -36.60
N LEU D 42 7.25 -3.63 -37.92
CA LEU D 42 6.87 -4.75 -38.77
C LEU D 42 7.81 -5.92 -38.53
N PHE D 43 7.23 -7.09 -38.27
CA PHE D 43 8.03 -8.24 -37.89
C PHE D 43 7.42 -9.53 -38.43
N LEU D 44 8.24 -10.57 -38.44
CA LEU D 44 7.77 -11.93 -38.72
C LEU D 44 8.74 -12.91 -38.06
N VAL D 45 8.29 -14.15 -37.94
CA VAL D 45 9.10 -15.22 -37.37
C VAL D 45 9.20 -16.34 -38.40
N ARG D 46 10.41 -16.88 -38.56
CA ARG D 46 10.66 -17.88 -39.59
C ARG D 46 11.73 -18.83 -39.10
N GLU D 47 11.76 -20.02 -39.70
CA GLU D 47 12.84 -20.96 -39.45
C GLU D 47 14.10 -20.49 -40.16
N SER D 48 15.25 -20.68 -39.52
CA SER D 48 16.51 -20.20 -40.07
C SER D 48 16.93 -21.05 -41.28
N ARG D 50 19.97 -22.64 -41.88
CA ARG D 50 20.78 -23.83 -41.70
C ARG D 50 20.49 -24.50 -40.35
N ASN D 51 20.27 -23.70 -39.31
CA ASN D 51 19.98 -24.23 -38.00
C ASN D 51 18.67 -25.02 -38.04
N PRO D 52 18.69 -26.33 -37.79
CA PRO D 52 17.48 -27.13 -38.01
C PRO D 52 16.38 -26.89 -36.99
N GLN D 53 16.75 -26.69 -35.72
CA GLN D 53 15.78 -26.42 -34.66
C GLN D 53 15.77 -24.95 -34.24
N GLY D 54 16.42 -24.07 -34.98
CA GLY D 54 16.45 -22.66 -34.64
C GLY D 54 15.46 -21.84 -35.46
N PHE D 55 15.20 -20.63 -34.99
CA PHE D 55 14.29 -19.70 -35.65
C PHE D 55 14.91 -18.31 -35.67
N VAL D 56 14.34 -17.44 -36.51
CA VAL D 56 14.84 -16.09 -36.70
C VAL D 56 13.67 -15.12 -36.65
N LEU D 57 13.76 -14.13 -35.75
CA LEU D 57 12.81 -13.02 -35.73
C LEU D 57 13.37 -11.89 -36.59
N SER D 58 12.66 -11.56 -37.66
CA SER D 58 13.05 -10.48 -38.55
C SER D 58 12.18 -9.25 -38.23
N LEU D 59 12.84 -8.13 -37.92
CA LEU D 59 12.16 -6.94 -37.44
C LEU D 59 12.69 -5.71 -38.14
N CYS D 60 11.78 -4.82 -38.53
CA CYS D 60 12.12 -3.59 -39.23
C CYS D 60 12.11 -2.42 -38.25
N HIS D 61 13.19 -1.65 -38.23
CA HIS D 61 13.29 -0.46 -37.39
C HIS D 61 14.09 0.61 -38.10
N LEU D 62 13.52 1.83 -38.15
CA LEU D 62 14.15 2.96 -38.85
C LEU D 62 14.49 2.59 -40.30
N GLN D 63 13.57 1.90 -40.96
CA GLN D 63 13.70 1.47 -42.35
C GLN D 63 14.86 0.49 -42.55
N LYS D 64 15.30 -0.16 -41.47
CA LYS D 64 16.31 -1.20 -41.53
C LYS D 64 15.76 -2.48 -40.92
N VAL D 65 16.06 -3.62 -41.53
CA VAL D 65 15.54 -4.91 -41.12
C VAL D 65 16.66 -5.69 -40.44
N LYS D 66 16.46 -6.02 -39.17
CA LYS D 66 17.39 -6.82 -38.40
C LYS D 66 16.87 -8.25 -38.24
N HIS D 67 17.80 -9.17 -37.99
CA HIS D 67 17.47 -10.58 -37.85
C HIS D 67 18.09 -11.11 -36.56
N TYR D 68 17.27 -11.72 -35.72
CA TYR D 68 17.67 -12.18 -34.40
C TYR D 68 17.51 -13.70 -34.33
N LEU D 69 18.61 -14.40 -34.06
CA LEU D 69 18.58 -15.84 -33.94
C LEU D 69 17.86 -16.26 -32.66
N ILE D 70 16.94 -17.21 -32.79
CA ILE D 70 16.24 -17.80 -31.64
C ILE D 70 16.65 -19.26 -31.56
N LEU D 71 17.26 -19.64 -30.44
CA LEU D 71 17.80 -20.98 -30.36
C LEU D 71 17.08 -21.78 -29.26
N PRO D 72 16.82 -23.06 -29.50
CA PRO D 72 16.23 -23.90 -28.45
C PRO D 72 17.34 -24.41 -27.53
N SER D 73 17.02 -24.55 -26.25
CA SER D 73 17.99 -25.00 -25.27
C SER D 73 17.25 -25.84 -24.22
N GLU D 74 18.00 -26.57 -23.39
CA GLU D 74 17.39 -27.52 -22.46
C GLU D 74 18.13 -27.52 -21.12
N GLU D 75 17.44 -27.08 -20.06
CA GLU D 75 17.97 -27.12 -18.70
C GLU D 75 16.96 -27.73 -17.75
N GLU D 76 17.45 -28.64 -16.89
CA GLU D 76 16.63 -29.26 -15.84
C GLU D 76 15.36 -29.90 -16.39
N GLY D 77 15.47 -30.49 -17.57
CA GLY D 77 14.38 -31.24 -18.17
C GLY D 77 13.44 -30.44 -19.04
N ARG D 78 13.44 -29.10 -18.92
CA ARG D 78 12.53 -28.26 -19.67
C ARG D 78 13.23 -27.68 -20.89
N LEU D 79 12.54 -27.70 -22.03
CA LEU D 79 13.04 -27.09 -23.25
C LEU D 79 12.51 -25.67 -23.36
N TYR D 80 13.37 -24.75 -23.80
CA TYR D 80 12.99 -23.35 -23.91
C TYR D 80 13.69 -22.74 -25.12
N PHE D 81 13.25 -21.52 -25.47
CA PHE D 81 13.85 -20.73 -26.53
C PHE D 81 14.45 -19.46 -25.93
N SER D 82 15.49 -18.96 -26.57
CA SER D 82 16.18 -17.77 -26.06
C SER D 82 16.93 -17.08 -27.20
N MET D 83 16.98 -15.75 -27.13
CA MET D 83 17.76 -14.95 -28.05
C MET D 83 19.04 -14.41 -27.42
N ASP D 84 19.23 -14.61 -26.11
CA ASP D 84 20.37 -14.07 -25.37
C ASP D 84 21.09 -15.16 -24.58
N ASP D 85 21.11 -16.38 -25.12
CA ASP D 85 21.91 -17.47 -24.55
C ASP D 85 21.51 -17.78 -23.11
N GLY D 86 20.20 -17.74 -22.83
CA GLY D 86 19.67 -18.18 -21.56
C GLY D 86 19.25 -17.08 -20.61
N GLN D 87 19.56 -15.82 -20.88
CA GLN D 87 19.19 -14.75 -19.96
C GLN D 87 17.70 -14.53 -19.91
N THR D 88 17.00 -14.75 -21.03
CA THR D 88 15.55 -14.64 -21.09
C THR D 88 15.00 -15.83 -21.85
N ARG D 89 14.12 -16.59 -21.20
CA ARG D 89 13.65 -17.88 -21.71
C ARG D 89 12.16 -17.86 -21.97
N PHE D 90 11.71 -18.68 -22.91
CA PHE D 90 10.31 -18.79 -23.29
C PHE D 90 9.99 -20.23 -23.63
N THR D 91 8.79 -20.68 -23.26
CA THR D 91 8.40 -22.06 -23.53
C THR D 91 8.14 -22.29 -25.01
N ASP D 92 7.76 -21.25 -25.75
CA ASP D 92 7.45 -21.39 -27.17
C ASP D 92 7.60 -20.04 -27.84
N LEU D 93 7.48 -20.04 -29.17
CA LEU D 93 7.67 -18.81 -29.93
C LEU D 93 6.56 -17.82 -29.69
N LEU D 94 5.35 -18.29 -29.37
CA LEU D 94 4.25 -17.38 -29.05
C LEU D 94 4.56 -16.54 -27.82
N GLN D 95 5.14 -17.14 -26.79
CA GLN D 95 5.48 -16.39 -25.58
C GLN D 95 6.56 -15.35 -25.86
N LEU D 96 7.57 -15.70 -26.66
CA LEU D 96 8.60 -14.74 -27.02
C LEU D 96 8.01 -13.55 -27.78
N VAL D 97 7.06 -13.81 -28.68
CA VAL D 97 6.48 -12.73 -29.47
C VAL D 97 5.61 -11.83 -28.60
N GLU D 98 4.79 -12.43 -27.73
CA GLU D 98 3.89 -11.64 -26.91
C GLU D 98 4.64 -10.80 -25.90
N PHE D 99 5.71 -11.34 -25.32
CA PHE D 99 6.52 -10.58 -24.36
C PHE D 99 7.14 -9.36 -25.02
N HIS D 100 7.66 -9.51 -26.23
CA HIS D 100 8.35 -8.42 -26.91
C HIS D 100 7.40 -7.49 -27.64
N GLN D 101 6.09 -7.66 -27.47
CA GLN D 101 5.13 -6.65 -27.93
C GLN D 101 4.87 -5.60 -26.86
N LEU D 102 5.25 -5.87 -25.61
CA LEU D 102 5.13 -4.91 -24.52
C LEU D 102 6.48 -4.51 -23.92
N ASN D 103 7.51 -5.33 -24.04
CA ASN D 103 8.83 -5.05 -23.49
C ASN D 103 9.86 -5.10 -24.62
N ARG D 104 10.74 -4.10 -24.66
CA ARG D 104 11.75 -4.04 -25.72
C ARG D 104 12.77 -5.17 -25.56
N GLY D 105 13.25 -5.37 -24.35
CA GLY D 105 14.29 -6.37 -24.14
C GLY D 105 15.56 -6.00 -24.87
N ILE D 106 16.10 -6.97 -25.61
CA ILE D 106 17.28 -6.73 -26.44
C ILE D 106 16.94 -6.09 -27.77
N LEU D 107 15.66 -5.88 -28.07
CA LEU D 107 15.22 -5.33 -29.33
C LEU D 107 15.24 -3.79 -29.27
N PRO D 108 15.45 -3.13 -30.41
CA PRO D 108 15.44 -1.66 -30.43
C PRO D 108 14.05 -1.05 -30.45
N CYS D 109 13.01 -1.86 -30.55
CA CYS D 109 11.63 -1.37 -30.54
C CYS D 109 10.71 -2.55 -30.28
N LEU D 110 9.44 -2.25 -30.04
CA LEU D 110 8.45 -3.29 -29.79
C LEU D 110 7.99 -3.90 -31.11
N LEU D 111 7.48 -5.13 -31.01
CA LEU D 111 6.84 -5.79 -32.15
C LEU D 111 5.44 -5.23 -32.31
N ARG D 112 5.22 -4.44 -33.37
CA ARG D 112 3.98 -3.71 -33.53
C ARG D 112 3.06 -4.24 -34.62
N HIS D 113 3.59 -4.83 -35.69
CA HIS D 113 2.78 -5.15 -36.85
C HIS D 113 3.19 -6.48 -37.46
N CYS D 114 2.21 -7.32 -37.74
CA CYS D 114 2.42 -8.63 -38.34
C CYS D 114 2.38 -8.55 -39.86
N CYS D 115 3.18 -9.38 -40.51
CA CYS D 115 3.09 -9.56 -41.96
C CYS D 115 2.14 -10.71 -42.29
N LYS E 1 -7.05 -4.64 8.61
CA LYS E 1 -5.62 -4.47 8.45
C LYS E 1 -5.30 -3.64 7.22
N PHE E 2 -4.19 -2.91 7.27
CA PHE E 2 -3.57 -2.32 6.10
C PHE E 2 -2.41 -3.22 5.72
N GLU E 3 -2.51 -3.87 4.56
CA GLU E 3 -1.53 -4.88 4.20
C GLU E 3 -0.13 -4.27 4.10
N GLY E 4 0.82 -4.88 4.81
CA GLY E 4 2.16 -4.37 4.90
C GLY E 4 2.43 -3.51 6.12
N TYR E 5 1.40 -3.18 6.90
CA TYR E 5 1.54 -2.38 8.10
C TYR E 5 0.97 -3.13 9.29
N ASP E 6 1.25 -2.61 10.48
CA ASP E 6 0.89 -3.27 11.73
C ASP E 6 -0.43 -2.78 12.32
N ASN E 7 -1.15 -1.92 11.61
CA ASN E 7 -2.45 -1.44 12.07
C ASN E 7 -3.38 -2.61 12.35
N GLU E 8 -4.01 -2.59 13.54
CA GLU E 8 -4.93 -3.64 13.96
C GLU E 8 -6.17 -2.99 14.57
N PHE E 9 -7.26 -2.99 13.82
CA PHE E 9 -8.53 -2.40 14.25
C PHE E 9 -9.68 -3.24 13.72
N PRO E 10 -10.91 -3.06 14.25
CA PRO E 10 -12.06 -3.81 13.73
C PRO E 10 -12.29 -3.62 12.23
N LYS F 1 10.99 0.22 -4.31
CA LYS F 1 10.23 -0.64 -3.40
C LYS F 1 8.80 -0.16 -3.14
N PHE F 2 7.90 -1.12 -2.92
CA PHE F 2 6.56 -0.84 -2.42
C PHE F 2 6.53 -1.18 -0.93
N GLU F 3 6.32 -0.16 -0.09
CA GLU F 3 6.41 -0.34 1.35
C GLU F 3 5.37 -1.36 1.83
N GLY F 4 5.83 -2.35 2.59
CA GLY F 4 4.98 -3.43 3.05
C GLY F 4 5.05 -4.68 2.20
N TYR F 5 5.71 -4.62 1.04
CA TYR F 5 5.87 -5.76 0.17
C TYR F 5 7.36 -6.00 -0.07
N ASP F 6 7.67 -7.16 -0.66
CA ASP F 6 9.05 -7.58 -0.82
C ASP F 6 9.64 -7.22 -2.18
N ASN F 7 8.91 -6.49 -3.01
CA ASN F 7 9.44 -6.05 -4.30
C ASN F 7 10.73 -5.27 -4.10
N GLU F 8 11.77 -5.67 -4.84
CA GLU F 8 13.07 -5.00 -4.80
C GLU F 8 13.56 -4.87 -6.23
N PHE F 9 13.49 -3.65 -6.77
CA PHE F 9 13.87 -3.35 -8.13
C PHE F 9 14.54 -1.98 -8.19
N PRO F 10 15.24 -1.64 -9.29
CA PRO F 10 15.86 -0.31 -9.40
C PRO F 10 14.85 0.84 -9.26
#